data_8GJ9
#
_entry.id   8GJ9
#
_cell.length_a   45.607
_cell.length_b   45.607
_cell.length_c   111.412
_cell.angle_alpha   90.000
_cell.angle_beta   90.000
_cell.angle_gamma   120.000
#
_symmetry.space_group_name_H-M   'P 32 2 1'
#
loop_
_entity.id
_entity.type
_entity.pdbx_description
1 polymer RAD51C
2 non-polymer 'ZINC ION'
3 water water
#
_entity_poly.entity_id   1
_entity_poly.type   'polypeptide(L)'
_entity_poly.pdbx_seq_one_letter_code
;GHMNRLLTSFPLTASVRTKLHNKGFQTVGDVLELKPTELSAELEICKEEALEIIKFLEEETQKVK
;
_entity_poly.pdbx_strand_id   A,B
#
loop_
_chem_comp.id
_chem_comp.type
_chem_comp.name
_chem_comp.formula
ZN non-polymer 'ZINC ION' 'Zn 2'
#
# COMPACT_ATOMS: atom_id res chain seq x y z
N GLY A 1 -8.80 -14.54 -1.88
CA GLY A 1 -9.04 -15.92 -2.25
C GLY A 1 -8.73 -16.87 -1.11
N HIS A 2 -7.78 -16.45 -0.26
CA HIS A 2 -7.39 -17.24 0.89
C HIS A 2 -7.57 -16.42 2.16
N MET A 3 -8.82 -15.96 2.34
CA MET A 3 -9.12 -15.14 3.50
C MET A 3 -8.91 -15.90 4.81
N ASN A 4 -8.94 -17.24 4.80
CA ASN A 4 -8.82 -17.91 6.07
C ASN A 4 -7.41 -18.34 6.41
N ARG A 5 -6.42 -17.96 5.60
CA ARG A 5 -5.03 -18.26 5.94
C ARG A 5 -4.61 -17.48 7.19
N LEU A 6 -3.81 -18.12 8.04
CA LEU A 6 -3.33 -17.45 9.27
C LEU A 6 -2.31 -16.35 8.97
N LEU A 7 -2.43 -15.21 9.69
CA LEU A 7 -1.48 -14.10 9.51
C LEU A 7 -0.07 -14.55 9.85
N THR A 8 0.09 -15.47 10.81
CA THR A 8 1.44 -15.93 11.17
C THR A 8 2.14 -16.73 10.08
N SER A 9 1.42 -17.18 9.04
CA SER A 9 2.06 -17.86 7.93
C SER A 9 2.67 -16.91 6.89
N PHE A 10 2.64 -15.58 7.11
CA PHE A 10 3.25 -14.58 6.24
C PHE A 10 4.43 -13.91 6.90
N PRO A 11 5.38 -13.51 6.14
CA PRO A 11 6.56 -12.80 6.66
C PRO A 11 6.30 -11.31 6.92
N LEU A 12 5.22 -11.02 7.64
CA LEU A 12 4.95 -9.68 8.14
C LEU A 12 6.08 -9.28 9.11
N THR A 13 6.26 -7.96 9.28
CA THR A 13 7.31 -7.53 10.24
C THR A 13 6.99 -8.08 11.61
N ALA A 14 8.05 -8.36 12.38
CA ALA A 14 7.86 -8.80 13.76
C ALA A 14 6.99 -7.83 14.52
N SER A 15 7.21 -6.51 14.33
CA SER A 15 6.46 -5.54 15.12
C SER A 15 4.98 -5.59 14.78
N VAL A 16 4.62 -5.74 13.50
CA VAL A 16 3.19 -5.72 13.23
C VAL A 16 2.55 -7.08 13.56
N ARG A 17 3.33 -8.17 13.48
CA ARG A 17 2.80 -9.46 13.95
C ARG A 17 2.42 -9.39 15.42
N THR A 18 3.25 -8.73 16.23
CA THR A 18 2.95 -8.57 17.64
C THR A 18 1.67 -7.75 17.81
N LYS A 19 1.57 -6.63 17.08
CA LYS A 19 0.38 -5.79 17.20
C LYS A 19 -0.87 -6.56 16.77
N LEU A 20 -0.79 -7.30 15.65
CA LEU A 20 -1.98 -8.04 15.19
C LEU A 20 -2.41 -9.08 16.24
N HIS A 21 -1.46 -9.82 16.78
CA HIS A 21 -1.81 -10.82 17.79
C HIS A 21 -2.40 -10.16 19.03
N ASN A 22 -1.78 -9.09 19.51
CA ASN A 22 -2.20 -8.48 20.76
C ASN A 22 -3.59 -7.85 20.63
N LYS A 23 -3.93 -7.36 19.42
CA LYS A 23 -5.28 -6.83 19.20
C LYS A 23 -6.28 -7.91 18.79
N GLY A 24 -5.82 -9.16 18.59
CA GLY A 24 -6.76 -10.30 18.42
C GLY A 24 -7.00 -10.75 17.00
N PHE A 25 -6.22 -10.24 16.04
CA PHE A 25 -6.41 -10.62 14.64
C PHE A 25 -5.80 -11.99 14.39
N GLN A 26 -6.49 -12.81 13.57
CA GLN A 26 -6.06 -14.17 13.25
C GLN A 26 -5.74 -14.38 11.78
N THR A 27 -6.64 -13.97 10.89
CA THR A 27 -6.57 -14.45 9.53
C THR A 27 -6.40 -13.26 8.59
N VAL A 28 -6.08 -13.59 7.34
CA VAL A 28 -6.04 -12.58 6.29
C VAL A 28 -7.35 -11.80 6.25
N GLY A 29 -8.48 -12.54 6.32
CA GLY A 29 -9.79 -11.92 6.23
C GLY A 29 -10.04 -10.92 7.34
N ASP A 30 -9.46 -11.17 8.53
CA ASP A 30 -9.58 -10.20 9.61
C ASP A 30 -8.96 -8.85 9.27
N VAL A 31 -7.85 -8.87 8.52
CA VAL A 31 -7.26 -7.62 8.08
C VAL A 31 -8.01 -7.05 6.89
N LEU A 32 -8.32 -7.90 5.88
CA LEU A 32 -8.85 -7.37 4.62
C LEU A 32 -10.30 -6.92 4.74
N GLU A 33 -10.98 -7.27 5.84
CA GLU A 33 -12.26 -6.70 6.20
C GLU A 33 -12.24 -5.17 6.25
N LEU A 34 -11.09 -4.59 6.60
CA LEU A 34 -10.92 -3.18 6.97
C LEU A 34 -10.24 -2.34 5.90
N LYS A 35 -10.67 -1.06 5.81
CA LYS A 35 -9.95 -0.04 5.09
C LYS A 35 -8.73 0.35 5.88
N PRO A 36 -7.76 1.02 5.24
CA PRO A 36 -6.57 1.45 6.00
C PRO A 36 -6.89 2.27 7.23
N THR A 37 -7.81 3.24 7.15
CA THR A 37 -8.07 4.05 8.33
C THR A 37 -8.71 3.22 9.45
N GLU A 38 -9.53 2.24 9.09
CA GLU A 38 -10.15 1.37 10.11
C GLU A 38 -9.09 0.50 10.77
N LEU A 39 -8.19 -0.06 9.96
CA LEU A 39 -7.19 -0.96 10.48
C LEU A 39 -6.18 -0.16 11.32
N SER A 40 -5.85 1.06 10.88
CA SER A 40 -4.88 1.83 11.66
C SER A 40 -5.46 2.22 13.02
N ALA A 41 -6.76 2.51 13.08
CA ALA A 41 -7.37 2.85 14.36
C ALA A 41 -7.30 1.66 15.30
N GLU A 42 -7.60 0.48 14.80
CA GLU A 42 -7.63 -0.69 15.69
C GLU A 42 -6.22 -1.03 16.17
N LEU A 43 -5.23 -0.96 15.28
CA LEU A 43 -3.86 -1.35 15.67
C LEU A 43 -3.06 -0.24 16.29
N GLU A 44 -3.62 0.97 16.36
CA GLU A 44 -2.93 2.13 16.91
C GLU A 44 -1.65 2.42 16.14
N ILE A 45 -1.77 2.43 14.80
CA ILE A 45 -0.65 2.74 13.90
C ILE A 45 -1.16 3.79 12.92
N CYS A 46 -0.28 4.29 12.06
CA CYS A 46 -0.73 5.29 11.10
C CYS A 46 -1.28 4.62 9.84
N LYS A 47 -2.09 5.39 9.09
CA LYS A 47 -2.80 4.87 7.92
C LYS A 47 -1.88 4.18 6.93
N GLU A 48 -0.68 4.75 6.68
CA GLU A 48 0.18 4.13 5.66
C GLU A 48 0.68 2.77 6.09
N GLU A 49 0.93 2.56 7.37
CA GLU A 49 1.37 1.27 7.83
C GLU A 49 0.24 0.26 7.72
N ALA A 50 -1.00 0.71 7.94
CA ALA A 50 -2.14 -0.17 7.74
C ALA A 50 -2.26 -0.54 6.26
N LEU A 51 -2.19 0.48 5.38
CA LEU A 51 -2.24 0.21 3.95
C LEU A 51 -1.24 -0.86 3.55
N GLU A 52 -0.01 -0.75 4.06
CA GLU A 52 1.05 -1.68 3.76
C GLU A 52 0.65 -3.14 4.03
N ILE A 53 0.03 -3.39 5.19
CA ILE A 53 -0.40 -4.75 5.55
C ILE A 53 -1.42 -5.23 4.54
N ILE A 54 -2.39 -4.36 4.26
CA ILE A 54 -3.50 -4.69 3.37
C ILE A 54 -2.99 -5.03 1.98
N LYS A 55 -2.15 -4.14 1.40
CA LYS A 55 -1.64 -4.38 0.06
CA LYS A 55 -1.65 -4.38 0.06
C LYS A 55 -0.82 -5.64 -0.02
N PHE A 56 -0.03 -5.93 1.01
CA PHE A 56 0.79 -7.14 0.96
C PHE A 56 -0.06 -8.39 1.00
N LEU A 57 -1.10 -8.40 1.85
CA LEU A 57 -1.94 -9.59 1.91
C LEU A 57 -2.83 -9.72 0.66
N GLU A 58 -3.17 -8.60 0.02
CA GLU A 58 -3.93 -8.65 -1.23
C GLU A 58 -3.15 -9.33 -2.35
N GLU A 59 -1.86 -9.01 -2.48
CA GLU A 59 -1.02 -9.57 -3.54
C GLU A 59 -0.64 -11.02 -3.27
N GLU A 60 -0.48 -11.37 -2.00
CA GLU A 60 -0.03 -12.70 -1.61
C GLU A 60 -1.15 -13.75 -1.66
N THR A 61 -2.38 -13.38 -1.31
CA THR A 61 -3.53 -14.26 -1.49
C THR A 61 -4.17 -14.13 -2.88
N GLN A 62 -3.47 -13.48 -3.81
CA GLN A 62 -3.84 -13.49 -5.23
C GLN A 62 -2.56 -13.44 -6.08
N GLY B 1 6.29 -5.65 0.55
CA GLY B 1 7.15 -4.47 0.53
C GLY B 1 6.59 -3.33 1.35
N HIS B 2 7.46 -2.45 1.84
CA HIS B 2 7.02 -1.34 2.69
C HIS B 2 6.48 -0.19 1.88
N MET B 3 5.40 0.41 2.40
CA MET B 3 4.82 1.62 1.81
C MET B 3 5.55 2.88 2.25
N ASN B 4 6.21 2.85 3.40
CA ASN B 4 6.95 4.02 3.89
C ASN B 4 8.34 4.04 3.24
N ARG B 5 8.35 4.29 1.90
CA ARG B 5 9.62 4.33 1.14
C ARG B 5 9.48 5.42 0.12
N LEU B 6 10.48 6.26 0.05
CA LEU B 6 10.49 7.40 -0.88
C LEU B 6 10.31 6.97 -2.32
N LEU B 7 9.54 7.79 -3.05
CA LEU B 7 9.36 7.56 -4.49
C LEU B 7 10.70 7.64 -5.23
N THR B 8 11.65 8.41 -4.70
CA THR B 8 12.95 8.49 -5.33
C THR B 8 13.70 7.17 -5.29
N SER B 9 13.27 6.21 -4.49
CA SER B 9 14.01 4.96 -4.43
C SER B 9 13.50 3.93 -5.43
N PHE B 10 12.55 4.33 -6.29
CA PHE B 10 12.01 3.46 -7.30
C PHE B 10 12.42 3.98 -8.67
N PRO B 11 12.51 3.08 -9.70
CA PRO B 11 12.94 3.45 -11.06
C PRO B 11 11.86 4.14 -11.90
N LEU B 12 11.25 5.16 -11.33
CA LEU B 12 10.36 6.05 -12.06
C LEU B 12 11.16 7.00 -12.96
N THR B 13 10.55 7.41 -14.06
CA THR B 13 11.23 8.40 -14.86
C THR B 13 11.31 9.73 -14.09
N ALA B 14 12.24 10.58 -14.52
CA ALA B 14 12.32 11.90 -13.93
C ALA B 14 11.02 12.67 -14.13
N SER B 15 10.33 12.44 -15.25
CA SER B 15 9.11 13.20 -15.53
C SER B 15 7.99 12.83 -14.57
N VAL B 16 7.78 11.52 -14.36
CA VAL B 16 6.72 11.04 -13.47
C VAL B 16 7.05 11.42 -12.04
N ARG B 17 8.34 11.28 -11.65
CA ARG B 17 8.71 11.67 -10.30
C ARG B 17 8.36 13.13 -10.04
N THR B 18 8.63 13.99 -11.00
CA THR B 18 8.35 15.41 -10.84
C THR B 18 6.86 15.68 -10.74
N LYS B 19 6.05 15.02 -11.58
CA LYS B 19 4.59 15.17 -11.50
C LYS B 19 4.09 14.77 -10.13
N LEU B 20 4.56 13.63 -9.63
CA LEU B 20 4.14 13.19 -8.30
C LEU B 20 4.60 14.15 -7.23
N HIS B 21 5.86 14.56 -7.27
N HIS B 21 5.86 14.55 -7.27
CA HIS B 21 6.31 15.44 -6.20
CA HIS B 21 6.38 15.45 -6.26
C HIS B 21 5.62 16.80 -6.23
C HIS B 21 5.58 16.75 -6.24
N ASN B 22 5.25 17.28 -7.42
CA ASN B 22 4.58 18.58 -7.48
C ASN B 22 3.18 18.56 -6.89
N LYS B 23 2.58 17.38 -6.75
CA LYS B 23 1.25 17.27 -6.16
C LYS B 23 1.31 16.73 -4.75
N GLY B 24 2.50 16.75 -4.14
CA GLY B 24 2.70 16.42 -2.75
C GLY B 24 2.87 14.96 -2.45
N PHE B 25 3.05 14.08 -3.44
CA PHE B 25 3.30 12.67 -3.17
C PHE B 25 4.78 12.50 -2.82
N GLN B 26 5.06 11.78 -1.72
N GLN B 26 5.05 11.83 -1.67
CA GLN B 26 6.46 11.54 -1.35
CA GLN B 26 6.41 11.59 -1.19
C GLN B 26 6.81 10.06 -1.30
C GLN B 26 6.81 10.12 -1.17
N THR B 27 5.88 9.22 -0.83
CA THR B 27 6.18 7.81 -0.69
C THR B 27 5.35 6.98 -1.65
N VAL B 28 5.77 5.73 -1.82
CA VAL B 28 4.99 4.81 -2.62
C VAL B 28 3.61 4.61 -1.99
N GLY B 29 3.51 4.64 -0.68
CA GLY B 29 2.17 4.56 -0.03
C GLY B 29 1.27 5.73 -0.39
N ASP B 30 1.84 6.93 -0.52
CA ASP B 30 1.01 8.06 -0.96
C ASP B 30 0.31 7.77 -2.30
N VAL B 31 0.97 7.07 -3.21
CA VAL B 31 0.38 6.75 -4.52
C VAL B 31 -0.57 5.56 -4.40
N LEU B 32 -0.13 4.49 -3.71
CA LEU B 32 -0.96 3.27 -3.73
C LEU B 32 -2.18 3.34 -2.85
N GLU B 33 -2.30 4.36 -1.98
CA GLU B 33 -3.56 4.52 -1.28
C GLU B 33 -4.68 4.99 -2.19
N LEU B 34 -4.37 5.40 -3.44
CA LEU B 34 -5.41 5.93 -4.32
C LEU B 34 -5.83 4.91 -5.37
N LYS B 35 -7.13 4.88 -5.70
CA LYS B 35 -7.65 4.22 -6.90
C LYS B 35 -7.13 4.94 -8.14
N PRO B 36 -7.10 4.26 -9.30
CA PRO B 36 -6.59 4.94 -10.51
C PRO B 36 -7.34 6.22 -10.82
N THR B 37 -8.65 6.22 -10.65
CA THR B 37 -9.40 7.43 -10.91
C THR B 37 -8.99 8.55 -9.96
N GLU B 38 -8.77 8.23 -8.68
CA GLU B 38 -8.38 9.28 -7.73
C GLU B 38 -6.99 9.84 -8.08
N LEU B 39 -6.08 8.96 -8.47
CA LEU B 39 -4.73 9.40 -8.86
C LEU B 39 -4.80 10.21 -10.14
N SER B 40 -5.68 9.80 -11.06
CA SER B 40 -5.88 10.54 -12.30
C SER B 40 -6.37 11.95 -12.02
N ALA B 41 -7.22 12.12 -11.00
CA ALA B 41 -7.72 13.46 -10.70
C ALA B 41 -6.65 14.30 -10.03
N GLU B 42 -5.80 13.70 -9.17
CA GLU B 42 -4.71 14.48 -8.57
C GLU B 42 -3.68 14.90 -9.62
N LEU B 43 -3.28 13.98 -10.49
CA LEU B 43 -2.27 14.28 -11.48
C LEU B 43 -2.81 14.87 -12.79
N GLU B 44 -4.14 14.90 -13.00
N GLU B 44 -4.13 14.85 -13.03
CA GLU B 44 -4.77 15.32 -14.25
CA GLU B 44 -4.70 15.39 -14.27
C GLU B 44 -4.12 14.62 -15.45
C GLU B 44 -4.18 14.62 -15.49
N ILE B 45 -4.19 13.28 -15.40
CA ILE B 45 -3.74 12.40 -16.49
C ILE B 45 -4.87 11.41 -16.75
N CYS B 46 -4.78 10.71 -17.88
CA CYS B 46 -5.82 9.73 -18.19
C CYS B 46 -5.80 8.61 -17.18
N LYS B 47 -6.98 8.01 -16.93
CA LYS B 47 -7.03 6.98 -15.89
C LYS B 47 -6.13 5.79 -16.24
N GLU B 48 -5.94 5.51 -17.53
CA GLU B 48 -5.11 4.36 -17.85
C GLU B 48 -3.65 4.67 -17.58
N GLU B 49 -3.25 5.95 -17.63
CA GLU B 49 -1.89 6.31 -17.28
C GLU B 49 -1.69 6.20 -15.76
N ALA B 50 -2.69 6.61 -15.00
CA ALA B 50 -2.63 6.42 -13.56
C ALA B 50 -2.54 4.95 -13.22
N LEU B 51 -3.34 4.12 -13.88
CA LEU B 51 -3.29 2.68 -13.60
C LEU B 51 -1.89 2.13 -13.88
N GLU B 52 -1.27 2.61 -14.98
CA GLU B 52 0.09 2.14 -15.30
C GLU B 52 1.08 2.46 -14.18
N ILE B 53 1.00 3.67 -13.62
CA ILE B 53 1.91 4.05 -12.53
C ILE B 53 1.66 3.18 -11.32
N ILE B 54 0.39 2.99 -10.95
CA ILE B 54 0.03 2.15 -9.80
C ILE B 54 0.54 0.73 -9.99
N LYS B 55 0.33 0.16 -11.20
CA LYS B 55 0.75 -1.22 -11.42
C LYS B 55 2.28 -1.33 -11.37
N PHE B 56 2.99 -0.34 -11.92
CA PHE B 56 4.44 -0.40 -11.87
C PHE B 56 4.92 -0.36 -10.43
N LEU B 57 4.36 0.53 -9.62
CA LEU B 57 4.79 0.62 -8.23
C LEU B 57 4.34 -0.56 -7.41
N GLU B 58 3.18 -1.15 -7.70
CA GLU B 58 2.83 -2.41 -7.04
C GLU B 58 3.86 -3.49 -7.32
N GLU B 59 4.31 -3.60 -8.56
CA GLU B 59 5.27 -4.64 -8.85
C GLU B 59 6.61 -4.37 -8.17
N GLU B 60 7.04 -3.10 -8.15
CA GLU B 60 8.31 -2.77 -7.49
C GLU B 60 8.25 -3.11 -6.00
N THR B 61 7.12 -2.82 -5.37
CA THR B 61 6.94 -3.16 -3.97
C THR B 61 6.91 -4.66 -3.74
N GLN B 62 6.41 -5.43 -4.70
CA GLN B 62 6.33 -6.88 -4.56
C GLN B 62 7.67 -7.57 -4.74
N LYS B 63 8.69 -6.89 -5.28
CA LYS B 63 9.98 -7.52 -5.57
C LYS B 63 10.65 -8.02 -4.29
N VAL B 64 10.98 -9.31 -4.25
CA VAL B 64 11.60 -9.93 -3.08
C VAL B 64 13.13 -9.90 -3.18
ZN ZN C . -15.39 -8.00 11.91
#